data_6VJ6
#
_entry.id   6VJ6
#
_cell.length_a   151.425
_cell.length_b   70.358
_cell.length_c   79.357
_cell.angle_alpha   90.000
_cell.angle_beta   91.749
_cell.angle_gamma   90.000
#
_symmetry.space_group_name_H-M   'C 1 2 1'
#
loop_
_entity.id
_entity.type
_entity.pdbx_description
1 polymer 'Peptidylprolyl isomerase (PrsA)'
2 non-polymer 3,6,9,12,15-pentaoxaoctadecan-17-amine
3 non-polymer GLYCEROL
4 water water
#
_entity_poly.entity_id   1
_entity_poly.type   'polypeptide(L)'
_entity_poly.pdbx_seq_one_letter_code
;SNADNIVTTKSGSISESDFNKKLKENYGKQNLSE(MSE)VVEKVLHDKYKVTDEEVTKQLEELKDK(MSE)GDNFNTY
(MSE)ESNGVKNEDQLKEKLKLTFAFEKAIKATVTEKDIKDHYKPKLQVSHILVKDEKTAKEIKEKLNSGEDFAALAKQY
SEDPGSKEKGGELSEFGPG(MSE)(MSE)VKEFEDAAYKLEVGQLSEPVKSSFGYHIIKLTDKKELKPYEEEKENIRKEL
EQQRIQDPQFHQQVTRDLLKNADIKVSDKDLKDTFKELEK
;
_entity_poly.pdbx_strand_id   A,B
#
loop_
_chem_comp.id
_chem_comp.type
_chem_comp.name
_chem_comp.formula
2NV non-polymer 3,6,9,12,15-pentaoxaoctadecan-17-amine 'C13 H29 N O5'
GOL non-polymer GLYCEROL 'C3 H8 O3'
#
# COMPACT_ATOMS: atom_id res chain seq x y z
N SER A 1 -2.82 -3.07 42.63
CA SER A 1 -2.75 -3.92 41.40
C SER A 1 -3.92 -3.60 40.48
N ASN A 2 -4.13 -4.44 39.45
CA ASN A 2 -5.23 -4.27 38.45
C ASN A 2 -6.61 -4.45 39.10
N ALA A 3 -6.74 -5.32 40.11
CA ALA A 3 -8.05 -5.56 40.78
C ALA A 3 -8.36 -4.48 41.81
N ASP A 4 -7.45 -3.52 42.04
CA ASP A 4 -7.67 -2.44 43.03
C ASP A 4 -8.51 -1.32 42.40
N ASN A 5 -9.42 -0.77 43.19
CA ASN A 5 -10.36 0.31 42.75
C ASN A 5 -9.60 1.57 42.38
N ILE A 6 -10.13 2.36 41.44
CA ILE A 6 -9.53 3.69 41.07
C ILE A 6 -10.57 4.76 41.44
N VAL A 7 -11.76 4.31 41.82
CA VAL A 7 -12.85 5.24 42.22
C VAL A 7 -13.90 4.45 42.99
N THR A 8 -14.54 5.10 43.96
CA THR A 8 -15.60 4.48 44.78
C THR A 8 -16.83 5.37 44.66
N THR A 9 -18.04 4.79 44.65
CA THR A 9 -19.26 5.60 44.56
C THR A 9 -20.33 4.88 45.38
N LYS A 10 -21.50 5.50 45.57
CA LYS A 10 -22.54 4.76 46.33
C LYS A 10 -23.17 3.77 45.35
N SER A 11 -22.83 3.87 44.06
CA SER A 11 -23.38 2.91 43.06
C SER A 11 -22.36 1.81 42.80
N GLY A 12 -21.23 1.86 43.52
CA GLY A 12 -20.16 0.84 43.37
C GLY A 12 -18.85 1.40 42.85
N SER A 13 -17.79 0.60 42.97
CA SER A 13 -16.44 1.00 42.55
C SER A 13 -16.08 0.41 41.18
N ILE A 14 -15.02 0.95 40.57
CA ILE A 14 -14.48 0.53 39.25
C ILE A 14 -12.99 0.20 39.42
N SER A 15 -12.60 -1.00 39.03
CA SER A 15 -11.19 -1.47 39.11
C SER A 15 -10.35 -0.78 38.03
N GLU A 16 -9.04 -0.76 38.21
CA GLU A 16 -8.15 -0.16 37.19
C GLU A 16 -8.22 -1.04 35.93
N SER A 17 -8.36 -2.35 36.09
CA SER A 17 -8.44 -3.29 34.94
C SER A 17 -9.65 -2.98 34.06
N ASP A 18 -10.84 -2.94 34.65
CA ASP A 18 -12.06 -2.65 33.86
C ASP A 18 -11.91 -1.26 33.24
N PHE A 19 -11.40 -0.30 34.02
CA PHE A 19 -11.22 1.09 33.50
C PHE A 19 -10.32 1.09 32.25
N ASN A 20 -9.15 0.44 32.31
CA ASN A 20 -8.20 0.38 31.16
C ASN A 20 -8.82 -0.36 29.98
N LYS A 21 -9.53 -1.46 30.21
CA LYS A 21 -10.14 -2.20 29.08
C LYS A 21 -11.17 -1.33 28.37
N LYS A 22 -12.05 -0.67 29.14
CA LYS A 22 -13.16 0.17 28.59
C LYS A 22 -12.53 1.31 27.80
N LEU A 23 -11.44 1.87 28.32
CA LEU A 23 -10.71 3.03 27.72
C LEU A 23 -10.16 2.68 26.33
N LYS A 24 -9.52 1.51 26.21
CA LYS A 24 -8.94 1.09 24.92
C LYS A 24 -10.06 0.79 23.91
N GLU A 25 -11.17 0.28 24.38
CA GLU A 25 -12.31 -0.09 23.51
C GLU A 25 -13.01 1.17 22.97
N ASN A 26 -13.08 2.27 23.75
CA ASN A 26 -13.81 3.49 23.28
C ASN A 26 -12.86 4.59 22.80
N TYR A 27 -11.55 4.43 22.87
CA TYR A 27 -10.68 5.55 22.41
C TYR A 27 -9.42 4.99 21.75
N GLY A 28 -9.18 3.67 21.89
CA GLY A 28 -7.98 3.07 21.28
C GLY A 28 -7.74 3.60 19.87
N LYS A 29 -8.71 3.43 18.97
CA LYS A 29 -8.54 3.81 17.53
C LYS A 29 -8.35 5.34 17.37
N GLN A 30 -9.22 6.14 17.96
CA GLN A 30 -9.04 7.61 17.85
C GLN A 30 -7.63 8.01 18.33
N ASN A 31 -7.13 7.37 19.39
CA ASN A 31 -5.81 7.71 19.97
C ASN A 31 -4.70 7.25 19.02
N LEU A 32 -4.83 6.04 18.45
CA LEU A 32 -3.77 5.54 17.51
C LEU A 32 -3.73 6.45 16.29
N SER A 33 -4.89 6.75 15.73
CA SER A 33 -4.92 7.64 14.54
C SER A 33 -4.12 8.91 14.85
N GLU A 34 -4.52 9.65 15.91
CA GLU A 34 -3.86 10.92 16.32
C GLU A 34 -2.37 10.72 16.53
N MSE A 35 -2.00 9.66 17.26
CA MSE A 35 -0.60 9.43 17.54
C MSE A 35 0.24 9.26 16.28
O MSE A 35 1.33 9.83 16.21
CB MSE A 35 -0.46 8.24 18.48
CG MSE A 35 -0.88 8.54 19.90
SE MSE A 35 -0.38 7.02 20.98
CE MSE A 35 1.57 7.18 21.00
N VAL A 36 -0.23 8.44 15.31
CA VAL A 36 0.50 8.19 14.07
C VAL A 36 0.60 9.48 13.26
N VAL A 37 -0.50 10.20 13.10
CA VAL A 37 -0.47 11.49 12.35
C VAL A 37 0.56 12.41 12.99
N GLU A 38 0.56 12.51 14.31
CA GLU A 38 1.53 13.42 14.99
C GLU A 38 2.95 12.91 14.77
N LYS A 39 3.13 11.59 14.77
CA LYS A 39 4.51 11.03 14.60
C LYS A 39 5.02 11.29 13.18
N VAL A 40 4.12 11.31 12.19
CA VAL A 40 4.51 11.54 10.77
C VAL A 40 4.78 13.03 10.55
N LEU A 41 3.88 13.90 11.00
CA LEU A 41 4.14 15.37 10.87
C LEU A 41 5.50 15.75 11.52
N HIS A 42 5.81 15.29 12.73
CA HIS A 42 7.12 15.70 13.30
C HIS A 42 8.27 15.01 12.56
N ASP A 43 7.99 13.92 11.85
CA ASP A 43 9.06 13.22 11.11
C ASP A 43 9.37 13.98 9.81
N LYS A 44 8.33 14.28 9.02
CA LYS A 44 8.47 14.91 7.68
C LYS A 44 8.66 16.43 7.77
N TYR A 45 8.11 17.10 8.79
CA TYR A 45 8.25 18.58 8.80
C TYR A 45 8.71 19.07 10.18
N LYS A 46 10.00 19.04 10.45
CA LYS A 46 10.55 19.51 11.77
C LYS A 46 10.30 21.00 11.99
N VAL A 47 9.86 21.32 13.20
CA VAL A 47 9.63 22.71 13.68
C VAL A 47 10.63 22.91 14.80
N THR A 48 11.25 24.10 14.88
CA THR A 48 12.28 24.35 15.93
C THR A 48 11.63 24.90 17.21
N ASP A 49 12.40 24.95 18.30
CA ASP A 49 11.94 25.47 19.60
C ASP A 49 11.77 27.00 19.49
N GLU A 50 12.62 27.65 18.67
CA GLU A 50 12.53 29.13 18.49
C GLU A 50 11.17 29.47 17.86
N GLU A 51 10.79 28.77 16.79
CA GLU A 51 9.48 29.03 16.09
C GLU A 51 8.31 28.79 17.05
N VAL A 52 8.46 27.88 18.02
CA VAL A 52 7.34 27.60 18.98
C VAL A 52 7.43 28.56 20.17
N THR A 53 8.60 28.73 20.80
CA THR A 53 8.70 29.67 21.97
C THR A 53 8.22 31.06 21.53
N LYS A 54 8.68 31.51 20.35
CA LYS A 54 8.30 32.84 19.79
C LYS A 54 6.77 32.96 19.71
N GLN A 55 6.13 32.04 19.00
CA GLN A 55 4.64 32.05 18.81
C GLN A 55 3.95 32.08 20.18
N LEU A 56 4.52 31.40 21.17
CA LEU A 56 3.94 31.35 22.55
C LEU A 56 4.01 32.73 23.19
N GLU A 57 5.19 33.36 23.20
N GLU A 57 5.20 33.36 23.19
CA GLU A 57 5.36 34.71 23.81
CA GLU A 57 5.38 34.72 23.78
C GLU A 57 4.38 35.70 23.17
C GLU A 57 4.38 35.70 23.17
N GLU A 58 4.17 35.59 21.84
CA GLU A 58 3.24 36.50 21.13
C GLU A 58 1.80 36.20 21.58
N LEU A 59 1.56 35.01 22.13
CA LEU A 59 0.21 34.64 22.60
C LEU A 59 0.05 35.09 24.06
N LYS A 60 1.14 35.05 24.84
CA LYS A 60 1.10 35.46 26.27
C LYS A 60 0.78 36.95 26.39
N ASP A 61 1.47 37.78 25.60
CA ASP A 61 1.29 39.25 25.61
C ASP A 61 -0.15 39.59 25.20
N LYS A 62 -0.68 38.92 24.17
CA LYS A 62 -2.06 39.16 23.68
C LYS A 62 -3.10 38.70 24.71
N MSE A 63 -2.87 37.54 25.32
CA MSE A 63 -3.80 36.98 26.30
C MSE A 63 -3.69 37.72 27.64
O MSE A 63 -4.72 38.01 28.25
CB MSE A 63 -3.55 35.48 26.47
CG MSE A 63 -3.93 34.64 25.27
SE MSE A 63 -5.84 34.83 24.84
CE MSE A 63 -6.94 34.32 26.37
N GLY A 64 -2.46 37.97 28.10
CA GLY A 64 -2.24 38.67 29.35
C GLY A 64 -2.66 37.85 30.56
N ASP A 65 -3.56 38.38 31.40
CA ASP A 65 -4.03 37.66 32.62
C ASP A 65 -5.05 36.57 32.21
N ASN A 66 -5.65 36.71 31.01
CA ASN A 66 -6.68 35.77 30.50
C ASN A 66 -5.98 34.51 29.92
N PHE A 67 -4.64 34.45 30.00
CA PHE A 67 -3.83 33.32 29.47
C PHE A 67 -3.92 32.11 30.40
N ASN A 68 -3.58 32.28 31.69
CA ASN A 68 -3.60 31.14 32.65
C ASN A 68 -4.98 30.47 32.62
N THR A 69 -6.02 31.18 32.17
CA THR A 69 -7.40 30.61 32.13
C THR A 69 -7.64 29.88 30.79
N TYR A 70 -7.01 30.35 29.71
CA TYR A 70 -7.16 29.78 28.34
C TYR A 70 -6.36 28.49 28.16
N MSE A 71 -5.20 28.41 28.80
CA MSE A 71 -4.33 27.26 28.69
C MSE A 71 -4.97 26.01 29.29
O MSE A 71 -4.77 24.92 28.78
CB MSE A 71 -2.99 27.56 29.37
CG MSE A 71 -2.10 26.36 29.57
SE MSE A 71 -0.28 26.96 29.91
CE MSE A 71 -0.19 27.75 31.71
N GLU A 72 -5.75 26.18 30.37
CA GLU A 72 -6.40 25.08 31.06
C GLU A 72 -7.67 24.63 30.31
N SER A 73 -8.13 25.40 29.33
CA SER A 73 -9.37 25.06 28.57
C SER A 73 -9.05 24.26 27.31
N ASN A 74 -7.81 23.78 27.14
CA ASN A 74 -7.44 23.00 25.92
C ASN A 74 -6.75 21.67 26.28
N GLY A 75 -7.11 21.05 27.40
CA GLY A 75 -6.48 19.77 27.81
C GLY A 75 -4.97 19.92 28.01
N VAL A 76 -4.52 21.16 28.22
CA VAL A 76 -3.08 21.50 28.44
C VAL A 76 -2.91 21.99 29.89
N LYS A 77 -1.83 21.58 30.56
CA LYS A 77 -1.58 21.97 31.98
C LYS A 77 -0.17 22.56 32.15
N ASN A 78 0.67 22.53 31.11
CA ASN A 78 2.05 23.07 31.17
C ASN A 78 2.32 23.95 29.94
N GLU A 79 3.39 24.74 29.96
CA GLU A 79 3.73 25.55 28.75
C GLU A 79 4.37 24.63 27.72
N ASP A 80 5.05 23.57 28.20
CA ASP A 80 5.71 22.57 27.31
C ASP A 80 4.61 21.88 26.48
N GLN A 81 3.46 21.59 27.10
CA GLN A 81 2.30 20.96 26.39
C GLN A 81 1.70 21.94 25.39
N LEU A 82 1.54 23.21 25.75
CA LEU A 82 0.96 24.18 24.78
C LEU A 82 1.91 24.27 23.57
N LYS A 83 3.22 24.24 23.80
CA LYS A 83 4.20 24.26 22.69
C LYS A 83 3.90 23.10 21.74
N GLU A 84 3.68 21.89 22.27
CA GLU A 84 3.37 20.69 21.45
C GLU A 84 2.16 21.01 20.55
N LYS A 85 1.10 21.63 21.07
CA LYS A 85 -0.07 22.00 20.22
C LYS A 85 0.36 22.98 19.13
N LEU A 86 1.06 24.05 19.52
CA LEU A 86 1.53 25.08 18.55
C LEU A 86 2.41 24.44 17.48
N LYS A 87 3.36 23.58 17.90
CA LYS A 87 4.32 22.87 17.03
C LYS A 87 3.59 21.97 16.01
N LEU A 88 2.60 21.20 16.50
CA LEU A 88 1.81 20.29 15.62
C LEU A 88 1.07 21.13 14.58
N THR A 89 0.54 22.27 15.01
CA THR A 89 -0.21 23.18 14.10
C THR A 89 0.73 23.77 13.04
N PHE A 90 1.98 24.05 13.44
CA PHE A 90 2.94 24.68 12.51
C PHE A 90 3.43 23.62 11.52
N ALA A 91 3.59 22.38 11.99
CA ALA A 91 4.03 21.28 11.11
C ALA A 91 2.93 21.01 10.08
N PHE A 92 1.67 21.04 10.52
CA PHE A 92 0.53 20.77 9.63
C PHE A 92 0.54 21.82 8.50
N GLU A 93 0.80 23.09 8.84
CA GLU A 93 0.84 24.17 7.82
C GLU A 93 2.02 23.91 6.85
N LYS A 94 3.19 23.57 7.38
CA LYS A 94 4.34 23.28 6.49
C LYS A 94 3.95 22.17 5.51
N ALA A 95 3.11 21.24 5.96
CA ALA A 95 2.68 20.10 5.13
C ALA A 95 1.85 20.61 3.95
N ILE A 96 0.93 21.54 4.23
CA ILE A 96 0.03 22.16 3.21
C ILE A 96 0.86 23.02 2.24
N LYS A 97 1.74 23.84 2.81
CA LYS A 97 2.61 24.68 1.94
C LYS A 97 3.36 23.78 0.96
N ALA A 98 3.76 22.60 1.39
CA ALA A 98 4.54 21.66 0.53
C ALA A 98 3.70 21.09 -0.62
N THR A 99 2.37 21.20 -0.56
CA THR A 99 1.51 20.68 -1.65
C THR A 99 1.52 21.65 -2.83
N VAL A 100 2.10 22.85 -2.67
CA VAL A 100 2.14 23.87 -3.76
C VAL A 100 3.31 23.54 -4.70
N THR A 101 3.00 23.22 -5.95
CA THR A 101 4.03 22.82 -6.95
C THR A 101 4.33 23.98 -7.90
N GLU A 102 5.40 23.86 -8.69
CA GLU A 102 5.76 24.90 -9.70
C GLU A 102 4.55 25.12 -10.62
N LYS A 103 4.00 24.03 -11.15
CA LYS A 103 2.85 24.08 -12.09
C LYS A 103 1.76 24.95 -11.44
N ASP A 104 1.38 24.67 -10.19
CA ASP A 104 0.34 25.49 -9.51
C ASP A 104 0.70 26.98 -9.54
N ILE A 105 1.98 27.33 -9.35
CA ILE A 105 2.44 28.75 -9.34
C ILE A 105 2.43 29.32 -10.76
N LYS A 106 2.76 28.50 -11.76
CA LYS A 106 2.77 29.00 -13.17
C LYS A 106 1.33 29.22 -13.63
N ASP A 107 0.42 28.31 -13.30
CA ASP A 107 -1.01 28.43 -13.71
C ASP A 107 -1.57 29.75 -13.18
N HIS A 108 -0.95 30.34 -12.15
CA HIS A 108 -1.45 31.63 -11.58
C HIS A 108 -0.63 32.82 -12.08
N TYR A 109 0.46 32.59 -12.82
CA TYR A 109 1.22 33.73 -13.38
C TYR A 109 0.52 34.17 -14.67
N LYS A 110 -0.53 34.95 -14.52
CA LYS A 110 -1.32 35.49 -15.66
C LYS A 110 -1.51 36.98 -15.41
N PRO A 111 -1.66 37.80 -16.45
CA PRO A 111 -1.84 39.25 -16.27
C PRO A 111 -3.23 39.59 -15.74
N LYS A 112 -3.32 40.64 -14.92
CA LYS A 112 -4.63 41.07 -14.40
C LYS A 112 -5.44 41.58 -15.60
N LEU A 113 -6.76 41.35 -15.61
CA LEU A 113 -7.58 41.78 -16.76
C LEU A 113 -8.55 42.89 -16.34
N GLN A 114 -8.77 43.85 -17.24
CA GLN A 114 -9.74 44.94 -17.02
C GLN A 114 -10.89 44.62 -17.99
N VAL A 115 -12.03 44.14 -17.47
CA VAL A 115 -13.16 43.78 -18.38
C VAL A 115 -14.42 44.53 -17.98
N SER A 116 -15.37 44.48 -18.89
CA SER A 116 -16.73 45.04 -18.70
C SER A 116 -17.65 43.85 -18.90
N HIS A 117 -18.85 43.87 -18.33
CA HIS A 117 -19.72 42.70 -18.52
C HIS A 117 -21.19 43.13 -18.49
N ILE A 118 -22.05 42.35 -19.15
CA ILE A 118 -23.52 42.59 -19.13
C ILE A 118 -24.14 41.35 -18.48
N LEU A 119 -24.94 41.54 -17.43
CA LEU A 119 -25.58 40.41 -16.70
C LEU A 119 -27.10 40.37 -16.93
N VAL A 120 -27.59 39.30 -17.57
CA VAL A 120 -29.05 39.08 -17.81
C VAL A 120 -29.43 37.72 -17.22
N LYS A 121 -30.70 37.52 -16.88
CA LYS A 121 -31.17 36.29 -16.22
C LYS A 121 -31.33 35.10 -17.17
N ASP A 122 -31.70 35.29 -18.44
CA ASP A 122 -31.90 34.11 -19.33
C ASP A 122 -30.94 34.10 -20.53
N GLU A 123 -30.70 32.91 -21.07
CA GLU A 123 -29.78 32.68 -22.22
C GLU A 123 -30.36 33.29 -23.49
N LYS A 124 -31.70 33.35 -23.58
CA LYS A 124 -32.41 33.94 -24.74
C LYS A 124 -32.00 35.41 -24.86
N THR A 125 -32.09 36.18 -23.76
CA THR A 125 -31.71 37.62 -23.76
C THR A 125 -30.20 37.76 -24.05
N ALA A 126 -29.40 36.84 -23.52
CA ALA A 126 -27.94 36.91 -23.75
C ALA A 126 -27.67 36.80 -25.27
N LYS A 127 -28.23 35.77 -25.96
CA LYS A 127 -27.98 35.67 -27.43
C LYS A 127 -28.49 36.93 -28.13
N GLU A 128 -29.69 37.41 -27.77
CA GLU A 128 -30.21 38.67 -28.38
C GLU A 128 -29.17 39.80 -28.20
N ILE A 129 -28.63 39.99 -26.98
CA ILE A 129 -27.63 41.08 -26.74
C ILE A 129 -26.34 40.80 -27.53
N LYS A 130 -25.90 39.56 -27.53
CA LYS A 130 -24.66 39.21 -28.27
C LYS A 130 -24.82 39.58 -29.74
N GLU A 131 -26.06 39.51 -30.26
CA GLU A 131 -26.35 39.81 -31.68
C GLU A 131 -26.36 41.34 -31.88
N LYS A 132 -26.83 42.10 -30.89
CA LYS A 132 -26.82 43.58 -31.02
C LYS A 132 -25.36 44.05 -31.02
N LEU A 133 -24.51 43.36 -30.26
CA LEU A 133 -23.06 43.71 -30.23
C LEU A 133 -22.45 43.42 -31.60
N ASN A 134 -22.77 42.26 -32.21
CA ASN A 134 -22.24 41.92 -33.56
C ASN A 134 -22.68 43.00 -34.55
N SER A 135 -23.91 43.49 -34.41
CA SER A 135 -24.45 44.55 -35.30
C SER A 135 -23.68 45.86 -35.11
N GLY A 136 -22.86 45.96 -34.07
CA GLY A 136 -22.07 47.19 -33.83
C GLY A 136 -22.68 48.10 -32.77
N GLU A 137 -23.64 47.62 -31.97
CA GLU A 137 -24.17 48.52 -30.91
C GLU A 137 -23.12 48.64 -29.82
N ASP A 138 -23.04 49.83 -29.20
CA ASP A 138 -22.05 50.17 -28.14
C ASP A 138 -22.28 49.25 -26.92
N PHE A 139 -21.21 48.59 -26.47
CA PHE A 139 -21.31 47.70 -25.27
C PHE A 139 -21.76 48.52 -24.05
N ALA A 140 -21.11 49.68 -23.77
CA ALA A 140 -21.49 50.52 -22.61
C ALA A 140 -22.97 50.89 -22.65
N ALA A 141 -23.50 51.21 -23.84
CA ALA A 141 -24.93 51.56 -23.97
C ALA A 141 -25.80 50.34 -23.63
N LEU A 142 -25.48 49.15 -24.20
CA LEU A 142 -26.27 47.92 -23.92
C LEU A 142 -26.20 47.58 -22.43
N ALA A 143 -25.04 47.76 -21.79
CA ALA A 143 -24.94 47.49 -20.33
C ALA A 143 -25.88 48.43 -19.56
N LYS A 144 -26.02 49.67 -20.01
CA LYS A 144 -26.94 50.64 -19.34
C LYS A 144 -28.39 50.19 -19.55
N GLN A 145 -28.67 49.56 -20.70
CA GLN A 145 -30.04 49.14 -21.06
C GLN A 145 -30.46 47.80 -20.45
N TYR A 146 -29.57 46.81 -20.44
CA TYR A 146 -30.03 45.47 -19.98
C TYR A 146 -29.33 44.92 -18.74
N SER A 147 -28.08 45.31 -18.45
CA SER A 147 -27.40 44.70 -17.28
C SER A 147 -28.24 44.79 -16.00
N GLU A 148 -28.18 43.70 -15.22
CA GLU A 148 -28.88 43.47 -13.91
C GLU A 148 -27.91 43.78 -12.76
N ASP A 149 -26.64 44.00 -13.08
CA ASP A 149 -25.61 44.28 -12.03
C ASP A 149 -25.71 45.74 -11.61
N PRO A 150 -26.32 46.07 -10.45
CA PRO A 150 -26.43 47.47 -10.01
C PRO A 150 -25.09 48.21 -9.92
N GLY A 151 -23.99 47.52 -9.61
CA GLY A 151 -22.69 48.19 -9.47
C GLY A 151 -21.93 48.38 -10.79
N SER A 152 -22.52 48.07 -11.94
CA SER A 152 -21.76 48.27 -13.19
C SER A 152 -22.67 48.73 -14.34
N LYS A 153 -24.00 48.61 -14.22
CA LYS A 153 -24.90 49.02 -15.33
C LYS A 153 -24.76 50.52 -15.66
N GLU A 154 -24.53 51.36 -14.64
CA GLU A 154 -24.38 52.83 -14.83
C GLU A 154 -22.97 53.18 -15.31
N LYS A 155 -22.00 52.28 -15.16
CA LYS A 155 -20.59 52.57 -15.57
C LYS A 155 -20.14 51.72 -16.76
N GLY A 156 -21.00 51.53 -17.77
CA GLY A 156 -20.65 50.77 -18.98
C GLY A 156 -20.30 49.31 -18.71
N GLY A 157 -20.74 48.76 -17.59
CA GLY A 157 -20.46 47.35 -17.24
C GLY A 157 -19.05 47.13 -16.71
N GLU A 158 -18.32 48.21 -16.41
CA GLU A 158 -16.93 48.06 -15.91
C GLU A 158 -16.87 47.35 -14.55
N LEU A 159 -15.87 46.48 -14.41
CA LEU A 159 -15.58 45.70 -13.18
C LEU A 159 -14.16 46.06 -12.72
N SER A 160 -13.88 45.95 -11.42
CA SER A 160 -12.52 46.28 -10.95
C SER A 160 -11.57 45.23 -11.54
N GLU A 161 -10.33 45.62 -11.82
CA GLU A 161 -9.34 44.67 -12.39
C GLU A 161 -9.28 43.44 -11.49
N PHE A 162 -9.09 42.27 -12.08
CA PHE A 162 -9.03 40.98 -11.33
C PHE A 162 -7.96 40.08 -11.94
N GLY A 163 -7.62 39.01 -11.24
CA GLY A 163 -6.60 38.03 -11.69
C GLY A 163 -7.04 36.61 -11.38
N PRO A 164 -6.14 35.62 -11.58
CA PRO A 164 -6.48 34.23 -11.33
C PRO A 164 -7.01 33.90 -9.92
N GLY A 165 -7.99 32.99 -9.86
CA GLY A 165 -8.61 32.51 -8.61
C GLY A 165 -9.54 33.52 -7.93
N MSE A 166 -9.60 34.76 -8.44
CA MSE A 166 -10.44 35.78 -7.82
C MSE A 166 -11.89 35.68 -8.31
O MSE A 166 -12.79 36.18 -7.63
CB MSE A 166 -9.87 37.19 -8.07
CG MSE A 166 -8.53 37.45 -7.39
SE MSE A 166 -7.79 39.21 -7.86
CE MSE A 166 -9.12 40.52 -7.31
N MSE A 167 -12.12 35.06 -9.46
CA MSE A 167 -13.47 34.94 -10.00
C MSE A 167 -13.83 33.48 -10.20
O MSE A 167 -12.97 32.61 -10.20
CB MSE A 167 -13.60 35.69 -11.33
CG MSE A 167 -13.05 37.10 -11.34
SE MSE A 167 -14.34 38.40 -10.67
CE MSE A 167 -14.29 40.04 -11.72
N VAL A 168 -15.14 33.22 -10.40
CA VAL A 168 -15.64 31.89 -10.64
C VAL A 168 -14.93 31.35 -11.89
N LYS A 169 -14.57 30.06 -11.88
CA LYS A 169 -13.84 29.40 -12.99
C LYS A 169 -14.48 29.69 -14.37
N GLU A 170 -15.79 29.47 -14.52
CA GLU A 170 -16.45 29.70 -15.83
C GLU A 170 -16.21 31.14 -16.30
N PHE A 171 -16.36 32.13 -15.41
CA PHE A 171 -16.16 33.56 -15.76
C PHE A 171 -14.68 33.81 -16.11
N GLU A 172 -13.78 33.37 -15.22
CA GLU A 172 -12.31 33.53 -15.39
C GLU A 172 -11.83 32.91 -16.72
N ASP A 173 -12.07 31.61 -16.93
CA ASP A 173 -11.64 30.89 -18.17
C ASP A 173 -12.14 31.61 -19.43
N ALA A 174 -13.37 32.12 -19.42
CA ALA A 174 -13.92 32.82 -20.61
C ALA A 174 -13.16 34.12 -20.85
N ALA A 175 -12.80 34.83 -19.77
CA ALA A 175 -12.09 36.13 -19.87
C ALA A 175 -10.65 35.98 -20.39
N TYR A 176 -9.94 34.91 -20.00
CA TYR A 176 -8.54 34.76 -20.48
C TYR A 176 -8.51 34.23 -21.92
N LYS A 177 -9.66 33.85 -22.50
CA LYS A 177 -9.64 33.40 -23.92
C LYS A 177 -9.82 34.62 -24.85
N LEU A 178 -10.03 35.80 -24.29
CA LEU A 178 -10.28 37.02 -25.12
C LEU A 178 -9.02 37.85 -25.33
N GLU A 179 -9.01 38.60 -26.45
CA GLU A 179 -7.94 39.55 -26.84
C GLU A 179 -8.57 40.93 -26.65
N VAL A 180 -7.78 41.97 -26.42
CA VAL A 180 -8.37 43.33 -26.16
C VAL A 180 -9.40 43.69 -27.24
N GLY A 181 -10.60 44.03 -26.80
CA GLY A 181 -11.71 44.43 -27.70
C GLY A 181 -12.62 43.28 -28.10
N GLN A 182 -12.21 42.02 -27.86
CA GLN A 182 -13.06 40.86 -28.22
C GLN A 182 -14.17 40.63 -27.17
N LEU A 183 -15.26 40.02 -27.60
CA LEU A 183 -16.44 39.72 -26.75
C LEU A 183 -16.54 38.21 -26.55
N SER A 184 -16.99 37.78 -25.37
CA SER A 184 -17.13 36.33 -25.10
C SER A 184 -18.47 35.83 -25.64
N GLU A 185 -18.78 34.57 -25.38
CA GLU A 185 -20.09 34.01 -25.73
C GLU A 185 -20.84 34.10 -24.40
N PRO A 186 -22.17 33.88 -24.31
CA PRO A 186 -22.86 33.97 -23.03
C PRO A 186 -22.26 32.99 -22.02
N VAL A 187 -21.88 33.47 -20.83
CA VAL A 187 -21.27 32.59 -19.78
C VAL A 187 -22.28 32.42 -18.64
N LYS A 188 -22.58 31.18 -18.27
CA LYS A 188 -23.54 30.90 -17.18
C LYS A 188 -22.83 30.95 -15.82
N SER A 189 -23.47 31.59 -14.84
CA SER A 189 -22.95 31.66 -13.45
C SER A 189 -24.16 31.55 -12.53
N SER A 190 -23.97 31.69 -11.22
CA SER A 190 -25.09 31.60 -10.25
C SER A 190 -26.04 32.79 -10.40
N PHE A 191 -25.53 33.94 -10.89
CA PHE A 191 -26.38 35.16 -11.03
C PHE A 191 -27.14 35.18 -12.36
N GLY A 192 -26.80 34.28 -13.28
CA GLY A 192 -27.50 34.26 -14.58
C GLY A 192 -26.56 34.04 -15.75
N TYR A 193 -26.65 34.90 -16.78
CA TYR A 193 -25.80 34.78 -17.99
C TYR A 193 -25.05 36.10 -18.23
N HIS A 194 -23.74 35.98 -18.48
CA HIS A 194 -22.84 37.13 -18.68
C HIS A 194 -22.27 37.19 -20.11
N ILE A 195 -21.94 38.41 -20.53
CA ILE A 195 -21.27 38.72 -21.82
C ILE A 195 -20.06 39.56 -21.40
N ILE A 196 -18.86 39.06 -21.66
CA ILE A 196 -17.59 39.73 -21.23
C ILE A 196 -16.90 40.40 -22.40
N LYS A 197 -16.37 41.59 -22.14
CA LYS A 197 -15.60 42.40 -23.13
C LYS A 197 -14.28 42.76 -22.45
N LEU A 198 -13.15 42.45 -23.10
CA LEU A 198 -11.82 42.77 -22.53
C LEU A 198 -11.40 44.14 -23.05
N THR A 199 -11.25 45.11 -22.15
CA THR A 199 -10.87 46.50 -22.54
C THR A 199 -9.36 46.69 -22.39
N ASP A 200 -8.74 46.08 -21.38
CA ASP A 200 -7.29 46.28 -21.14
C ASP A 200 -6.70 45.03 -20.48
N LYS A 201 -5.41 44.75 -20.76
CA LYS A 201 -4.68 43.56 -20.24
C LYS A 201 -3.39 44.06 -19.57
N LYS A 202 -3.49 44.47 -18.31
CA LYS A 202 -2.37 45.05 -17.49
C LYS A 202 -1.03 44.32 -17.69
N GLU A 203 0.07 45.08 -17.56
CA GLU A 203 1.46 44.57 -17.71
C GLU A 203 1.76 43.60 -16.57
N LEU A 204 2.74 42.73 -16.76
CA LEU A 204 3.08 41.71 -15.74
C LEU A 204 4.59 41.67 -15.50
N LYS A 205 5.04 41.89 -14.24
CA LYS A 205 6.49 41.85 -13.90
C LYS A 205 7.02 40.46 -14.23
N PRO A 206 8.36 40.30 -14.45
CA PRO A 206 8.92 38.98 -14.78
C PRO A 206 8.50 37.87 -13.82
N TYR A 207 8.45 36.64 -14.34
CA TYR A 207 8.02 35.48 -13.53
C TYR A 207 8.81 35.35 -12.22
N GLU A 208 10.13 35.45 -12.31
CA GLU A 208 11.08 35.32 -11.18
C GLU A 208 10.84 36.40 -10.09
N GLU A 209 10.08 37.45 -10.39
CA GLU A 209 9.81 38.53 -9.39
C GLU A 209 8.40 38.36 -8.81
N GLU A 210 7.62 37.41 -9.35
CA GLU A 210 6.21 37.19 -8.91
C GLU A 210 6.03 35.83 -8.21
N LYS A 211 6.85 34.82 -8.55
CA LYS A 211 6.62 33.48 -7.97
C LYS A 211 6.56 33.53 -6.44
N GLU A 212 7.34 34.41 -5.80
CA GLU A 212 7.32 34.50 -4.31
C GLU A 212 5.91 34.87 -3.82
N ASN A 213 5.34 35.97 -4.34
CA ASN A 213 3.99 36.43 -3.92
C ASN A 213 2.95 35.38 -4.30
N ILE A 214 2.99 34.89 -5.56
CA ILE A 214 2.03 33.84 -6.02
C ILE A 214 2.05 32.66 -5.03
N ARG A 215 3.24 32.18 -4.71
CA ARG A 215 3.40 31.04 -3.78
C ARG A 215 2.72 31.37 -2.45
N LYS A 216 3.06 32.51 -1.82
CA LYS A 216 2.46 32.89 -0.51
C LYS A 216 0.93 32.91 -0.59
N GLU A 217 0.34 33.51 -1.63
CA GLU A 217 -1.15 33.55 -1.74
C GLU A 217 -1.68 32.11 -1.81
N LEU A 218 -1.15 31.27 -2.71
CA LEU A 218 -1.66 29.87 -2.76
C LEU A 218 -1.47 29.20 -1.38
N GLU A 219 -0.29 29.33 -0.78
CA GLU A 219 -0.04 28.75 0.57
C GLU A 219 -1.15 29.18 1.54
N GLN A 220 -1.40 30.49 1.69
CA GLN A 220 -2.43 30.98 2.64
C GLN A 220 -3.83 30.54 2.23
N GLN A 221 -4.08 30.46 0.92
CA GLN A 221 -5.42 30.06 0.41
C GLN A 221 -5.70 28.61 0.85
N ARG A 222 -4.70 27.74 0.83
CA ARG A 222 -4.87 26.31 1.20
C ARG A 222 -4.93 26.14 2.71
N ILE A 223 -4.27 27.01 3.48
CA ILE A 223 -4.26 26.93 4.97
C ILE A 223 -5.68 27.13 5.53
N GLN A 224 -6.52 27.92 4.84
CA GLN A 224 -7.90 28.23 5.32
C GLN A 224 -8.88 27.17 4.82
N ASP A 225 -8.59 26.60 3.65
CA ASP A 225 -9.45 25.55 3.03
C ASP A 225 -9.33 24.25 3.82
N PRO A 226 -10.37 23.81 4.56
CA PRO A 226 -10.30 22.55 5.31
C PRO A 226 -10.29 21.33 4.37
N GLN A 227 -10.54 21.54 3.08
CA GLN A 227 -10.50 20.47 2.04
C GLN A 227 -9.06 19.97 1.92
N PHE A 228 -8.10 20.87 2.19
CA PHE A 228 -6.66 20.51 2.12
C PHE A 228 -6.21 19.89 3.45
N HIS A 229 -6.83 20.28 4.55
CA HIS A 229 -6.45 19.69 5.86
C HIS A 229 -6.75 18.20 5.83
N GLN A 230 -7.85 17.83 5.16
CA GLN A 230 -8.28 16.40 5.04
C GLN A 230 -7.40 15.72 3.99
N GLN A 231 -7.06 16.43 2.91
CA GLN A 231 -6.19 15.90 1.83
C GLN A 231 -4.79 15.61 2.37
N VAL A 232 -4.17 16.58 3.03
CA VAL A 232 -2.79 16.43 3.59
C VAL A 232 -2.78 15.31 4.62
N THR A 233 -3.76 15.27 5.53
CA THR A 233 -3.85 14.19 6.53
C THR A 233 -3.84 12.83 5.82
N ARG A 234 -4.82 12.64 4.92
CA ARG A 234 -5.00 11.39 4.13
C ARG A 234 -3.70 11.00 3.41
N ASP A 235 -3.04 11.94 2.74
CA ASP A 235 -1.78 11.60 1.99
C ASP A 235 -0.64 11.22 2.95
N LEU A 236 -0.42 11.98 4.04
CA LEU A 236 0.68 11.64 4.99
C LEU A 236 0.48 10.21 5.51
N LEU A 237 -0.75 9.85 5.86
CA LEU A 237 -1.04 8.49 6.36
C LEU A 237 -0.86 7.43 5.27
N LYS A 238 -1.25 7.69 4.02
CA LYS A 238 -1.07 6.61 3.00
C LYS A 238 0.43 6.40 2.74
N ASN A 239 1.20 7.48 2.68
CA ASN A 239 2.67 7.39 2.42
C ASN A 239 3.42 6.89 3.66
N ALA A 240 2.69 6.53 4.74
CA ALA A 240 3.35 6.07 5.99
C ALA A 240 3.51 4.55 6.06
N ASP A 241 3.00 3.80 5.07
CA ASP A 241 3.10 2.31 5.07
C ASP A 241 2.75 1.79 6.47
N ILE A 242 1.53 2.12 6.93
CA ILE A 242 1.02 1.76 8.29
C ILE A 242 0.63 0.28 8.37
N LYS A 243 1.07 -0.38 9.44
CA LYS A 243 0.79 -1.81 9.73
C LYS A 243 0.58 -1.95 11.23
N VAL A 244 -0.69 -2.13 11.64
CA VAL A 244 -1.12 -2.31 13.05
C VAL A 244 -1.00 -3.79 13.44
N SER A 245 -0.24 -4.13 14.48
CA SER A 245 -0.08 -5.53 14.94
C SER A 245 -1.07 -5.86 16.07
N ASP A 246 -1.62 -4.86 16.77
CA ASP A 246 -2.60 -5.10 17.87
C ASP A 246 -3.93 -5.51 17.25
N LYS A 247 -4.46 -6.69 17.63
CA LYS A 247 -5.73 -7.23 17.03
C LYS A 247 -6.93 -6.31 17.31
N ASP A 248 -7.01 -5.73 18.51
CA ASP A 248 -8.14 -4.83 18.88
C ASP A 248 -8.09 -3.51 18.09
N LEU A 249 -6.95 -3.14 17.51
CA LEU A 249 -6.84 -1.84 16.80
C LEU A 249 -6.56 -2.05 15.30
N LYS A 250 -6.74 -3.28 14.81
CA LYS A 250 -6.49 -3.63 13.38
C LYS A 250 -7.22 -2.70 12.39
N ASP A 251 -8.52 -2.46 12.59
CA ASP A 251 -9.27 -1.62 11.62
C ASP A 251 -9.34 -0.16 12.09
N THR A 252 -8.20 0.45 12.42
CA THR A 252 -8.12 1.87 12.86
C THR A 252 -8.02 2.75 11.61
N PHE A 253 -7.16 2.35 10.67
CA PHE A 253 -6.94 3.07 9.39
C PHE A 253 -7.79 2.38 8.30
N LYS A 254 -8.91 1.81 8.74
CA LYS A 254 -9.90 1.10 7.89
C LYS A 254 -10.35 1.97 6.71
N GLU A 255 -10.80 3.19 7.03
CA GLU A 255 -11.38 4.12 6.03
C GLU A 255 -10.31 4.97 5.32
N LEU A 256 -9.05 4.50 5.27
CA LEU A 256 -7.94 5.21 4.58
C LEU A 256 -7.90 4.78 3.11
N GLU A 257 -8.67 3.74 2.76
CA GLU A 257 -8.76 3.17 1.39
C GLU A 257 -8.41 4.19 0.31
N LYS A 258 -9.18 5.29 0.26
CA LYS A 258 -8.94 6.37 -0.75
C LYS A 258 -7.82 7.28 -0.23
N SER B 1 -39.03 -11.41 -12.18
CA SER B 1 -38.28 -10.24 -11.62
C SER B 1 -37.56 -10.67 -10.33
N ASN B 2 -37.05 -9.69 -9.58
CA ASN B 2 -36.30 -9.91 -8.31
C ASN B 2 -37.19 -10.53 -7.22
N ALA B 3 -38.48 -10.15 -7.18
CA ALA B 3 -39.41 -10.67 -6.13
C ALA B 3 -39.97 -12.05 -6.51
N ASP B 4 -39.60 -12.59 -7.68
CA ASP B 4 -40.10 -13.92 -8.11
C ASP B 4 -39.24 -15.03 -7.49
N ASN B 5 -39.90 -16.13 -7.10
CA ASN B 5 -39.26 -17.32 -6.47
C ASN B 5 -38.20 -17.94 -7.39
N ILE B 6 -37.17 -18.54 -6.78
CA ILE B 6 -36.04 -19.22 -7.47
C ILE B 6 -36.12 -20.71 -7.07
N VAL B 7 -36.98 -21.01 -6.09
CA VAL B 7 -37.17 -22.39 -5.56
C VAL B 7 -38.43 -22.37 -4.67
N THR B 8 -39.15 -23.48 -4.64
CA THR B 8 -40.37 -23.60 -3.79
C THR B 8 -40.17 -24.84 -2.90
N THR B 9 -40.64 -24.81 -1.65
CA THR B 9 -40.49 -26.00 -0.77
C THR B 9 -41.72 -26.06 0.13
N LYS B 10 -41.90 -27.15 0.87
CA LYS B 10 -43.05 -27.21 1.80
C LYS B 10 -42.71 -26.31 2.99
N SER B 11 -41.45 -25.89 3.11
CA SER B 11 -41.04 -25.02 4.24
C SER B 11 -41.00 -23.56 3.78
N GLY B 12 -41.42 -23.32 2.53
CA GLY B 12 -41.45 -21.95 1.98
C GLY B 12 -40.51 -21.74 0.79
N SER B 13 -40.76 -20.68 0.02
CA SER B 13 -39.94 -20.34 -1.17
C SER B 13 -38.92 -19.24 -0.83
N ILE B 14 -37.95 -19.07 -1.73
CA ILE B 14 -36.84 -18.09 -1.63
C ILE B 14 -36.81 -17.27 -2.92
N SER B 15 -36.89 -15.95 -2.80
CA SER B 15 -36.90 -15.03 -3.96
C SER B 15 -35.50 -14.95 -4.57
N GLU B 16 -35.40 -14.47 -5.81
CA GLU B 16 -34.08 -14.29 -6.43
C GLU B 16 -33.32 -13.20 -5.66
N SER B 17 -34.04 -12.18 -5.16
CA SER B 17 -33.39 -11.07 -4.41
C SER B 17 -32.73 -11.59 -3.12
N ASP B 18 -33.48 -12.32 -2.29
CA ASP B 18 -32.89 -12.86 -1.03
C ASP B 18 -31.74 -13.79 -1.39
N PHE B 19 -31.94 -14.62 -2.41
CA PHE B 19 -30.88 -15.56 -2.85
C PHE B 19 -29.59 -14.81 -3.22
N ASN B 20 -29.68 -13.78 -4.06
CA ASN B 20 -28.50 -12.98 -4.50
C ASN B 20 -27.87 -12.25 -3.31
N LYS B 21 -28.67 -11.67 -2.41
CA LYS B 21 -28.06 -10.98 -1.25
C LYS B 21 -27.28 -11.96 -0.38
N LYS B 22 -27.89 -13.11 -0.06
CA LYS B 22 -27.25 -14.11 0.84
C LYS B 22 -25.96 -14.62 0.19
N LEU B 23 -26.02 -14.84 -1.12
CA LEU B 23 -24.87 -15.33 -1.92
C LEU B 23 -23.67 -14.39 -1.85
N LYS B 24 -23.90 -13.09 -2.03
CA LYS B 24 -22.80 -12.10 -2.01
C LYS B 24 -22.24 -11.98 -0.59
N GLU B 25 -23.07 -12.11 0.43
CA GLU B 25 -22.53 -11.91 1.81
C GLU B 25 -21.76 -13.16 2.26
N ASN B 26 -22.05 -14.37 1.75
CA ASN B 26 -21.30 -15.58 2.17
C ASN B 26 -20.22 -15.99 1.15
N TYR B 27 -20.09 -15.34 -0.01
CA TYR B 27 -19.04 -15.80 -0.97
C TYR B 27 -18.46 -14.62 -1.75
N GLY B 28 -19.08 -13.46 -1.64
CA GLY B 28 -18.54 -12.27 -2.35
C GLY B 28 -17.02 -12.19 -2.23
N LYS B 29 -16.47 -12.16 -1.00
CA LYS B 29 -15.00 -12.03 -0.77
C LYS B 29 -14.21 -13.20 -1.37
N GLN B 30 -14.58 -14.43 -1.04
CA GLN B 30 -13.84 -15.59 -1.62
C GLN B 30 -13.85 -15.50 -3.16
N ASN B 31 -14.97 -15.06 -3.76
CA ASN B 31 -15.08 -14.97 -5.24
C ASN B 31 -14.19 -13.84 -5.76
N LEU B 32 -14.18 -12.69 -5.06
CA LEU B 32 -13.35 -11.55 -5.53
C LEU B 32 -11.87 -11.96 -5.44
N SER B 33 -11.50 -12.54 -4.31
CA SER B 33 -10.09 -12.98 -4.14
C SER B 33 -9.69 -13.82 -5.35
N GLU B 34 -10.42 -14.93 -5.60
CA GLU B 34 -10.14 -15.87 -6.72
C GLU B 34 -10.07 -15.11 -8.04
N MSE B 35 -11.08 -14.28 -8.30
CA MSE B 35 -11.13 -13.58 -9.57
C MSE B 35 -9.89 -12.72 -9.83
O MSE B 35 -9.36 -12.77 -10.93
CB MSE B 35 -12.42 -12.75 -9.66
CG MSE B 35 -13.67 -13.58 -9.82
SE MSE B 35 -15.17 -12.44 -10.23
CE MSE B 35 -14.74 -11.86 -12.06
N VAL B 36 -9.46 -11.91 -8.82
CA VAL B 36 -8.31 -11.02 -8.97
C VAL B 36 -7.04 -11.85 -9.15
N VAL B 37 -6.83 -12.87 -8.33
CA VAL B 37 -5.63 -13.73 -8.47
C VAL B 37 -5.60 -14.31 -9.88
N GLU B 38 -6.74 -14.82 -10.36
CA GLU B 38 -6.75 -15.44 -11.71
C GLU B 38 -6.48 -14.36 -12.78
N LYS B 39 -6.98 -13.13 -12.54
CA LYS B 39 -6.79 -12.08 -13.57
C LYS B 39 -5.35 -11.63 -13.62
N VAL B 40 -4.65 -11.68 -12.48
CA VAL B 40 -3.22 -11.24 -12.40
C VAL B 40 -2.34 -12.34 -13.00
N LEU B 41 -2.54 -13.58 -12.58
CA LEU B 41 -1.73 -14.68 -13.17
C LEU B 41 -1.89 -14.74 -14.69
N HIS B 42 -3.10 -14.63 -15.26
CA HIS B 42 -3.15 -14.69 -16.75
C HIS B 42 -2.59 -13.40 -17.35
N ASP B 43 -2.49 -12.33 -16.57
CA ASP B 43 -1.93 -11.06 -17.11
C ASP B 43 -0.41 -11.17 -17.18
N LYS B 44 0.21 -11.58 -16.07
CA LYS B 44 1.69 -11.66 -15.96
C LYS B 44 2.30 -12.93 -16.54
N TYR B 45 1.58 -14.06 -16.56
CA TYR B 45 2.25 -15.29 -17.05
C TYR B 45 1.35 -16.07 -18.02
N LYS B 46 1.45 -15.74 -19.31
CA LYS B 46 0.62 -16.41 -20.36
C LYS B 46 0.96 -17.89 -20.50
N VAL B 47 -0.09 -18.71 -20.60
CA VAL B 47 0.01 -20.18 -20.81
C VAL B 47 -0.66 -20.46 -22.15
N THR B 48 -0.12 -21.38 -22.95
CA THR B 48 -0.73 -21.67 -24.28
C THR B 48 -1.75 -22.81 -24.15
N ASP B 49 -2.59 -23.00 -25.17
CA ASP B 49 -3.59 -24.10 -25.18
C ASP B 49 -2.86 -25.42 -25.39
N GLU B 50 -1.72 -25.41 -26.10
CA GLU B 50 -0.93 -26.66 -26.32
C GLU B 50 -0.44 -27.19 -24.97
N GLU B 51 0.15 -26.32 -24.14
CA GLU B 51 0.66 -26.72 -22.79
C GLU B 51 -0.47 -27.28 -21.92
N VAL B 52 -1.71 -26.79 -22.11
CA VAL B 52 -2.87 -27.26 -21.29
C VAL B 52 -3.49 -28.50 -21.93
N THR B 53 -3.79 -28.48 -23.24
CA THR B 53 -4.40 -29.69 -23.89
C THR B 53 -3.48 -30.90 -23.66
N LYS B 54 -2.18 -30.70 -23.84
CA LYS B 54 -1.15 -31.78 -23.64
C LYS B 54 -1.28 -32.37 -22.23
N GLN B 55 -1.17 -31.54 -21.18
CA GLN B 55 -1.28 -32.00 -19.78
C GLN B 55 -2.59 -32.77 -19.57
N LEU B 56 -3.68 -32.35 -20.22
CA LEU B 56 -4.99 -33.01 -20.08
C LEU B 56 -4.94 -34.42 -20.70
N GLU B 57 -4.46 -34.54 -21.95
CA GLU B 57 -4.39 -35.87 -22.60
C GLU B 57 -3.49 -36.81 -21.78
N GLU B 58 -2.43 -36.29 -21.14
CA GLU B 58 -1.55 -37.15 -20.28
C GLU B 58 -2.33 -37.57 -19.03
N LEU B 59 -3.41 -36.85 -18.69
CA LEU B 59 -4.25 -37.19 -17.50
C LEU B 59 -5.33 -38.20 -17.95
N LYS B 60 -5.79 -38.08 -19.20
CA LYS B 60 -6.80 -39.00 -19.83
C LYS B 60 -6.24 -40.43 -19.80
N ASP B 61 -4.99 -40.57 -20.29
CA ASP B 61 -4.26 -41.86 -20.38
C ASP B 61 -4.11 -42.49 -19.00
N LYS B 62 -3.71 -41.70 -17.99
CA LYS B 62 -3.53 -42.22 -16.60
C LYS B 62 -4.87 -42.62 -15.98
N MSE B 63 -5.90 -41.78 -16.20
CA MSE B 63 -7.21 -42.05 -15.61
C MSE B 63 -7.93 -43.16 -16.37
O MSE B 63 -8.51 -44.06 -15.75
CB MSE B 63 -8.05 -40.77 -15.58
CG MSE B 63 -7.51 -39.65 -14.68
SE MSE B 63 -6.94 -40.25 -12.89
CE MSE B 63 -8.29 -41.40 -12.06
N GLY B 64 -7.91 -43.09 -17.71
CA GLY B 64 -8.57 -44.08 -18.56
C GLY B 64 -10.08 -44.04 -18.41
N ASP B 65 -10.68 -45.20 -18.13
CA ASP B 65 -12.17 -45.33 -17.94
C ASP B 65 -12.55 -44.75 -16.57
N ASN B 66 -11.59 -44.67 -15.65
CA ASN B 66 -11.81 -44.13 -14.28
C ASN B 66 -11.57 -42.62 -14.31
N PHE B 67 -11.83 -41.97 -15.45
CA PHE B 67 -11.64 -40.49 -15.58
C PHE B 67 -12.77 -39.72 -14.88
N ASN B 68 -14.02 -40.00 -15.25
CA ASN B 68 -15.19 -39.32 -14.63
C ASN B 68 -15.11 -39.42 -13.10
N THR B 69 -14.37 -40.41 -12.58
CA THR B 69 -14.15 -40.62 -11.12
C THR B 69 -13.27 -39.50 -10.54
N TYR B 70 -12.26 -39.06 -11.30
CA TYR B 70 -11.35 -37.96 -10.86
C TYR B 70 -12.01 -36.60 -11.11
N MSE B 71 -12.80 -36.49 -12.18
CA MSE B 71 -13.46 -35.24 -12.50
C MSE B 71 -14.51 -34.89 -11.43
O MSE B 71 -14.67 -33.71 -11.10
CB MSE B 71 -14.09 -35.31 -13.90
CG MSE B 71 -13.14 -34.89 -15.02
SE MSE B 71 -14.01 -33.72 -16.34
CE MSE B 71 -15.90 -34.24 -16.44
N GLU B 72 -15.20 -35.90 -10.90
CA GLU B 72 -16.21 -35.65 -9.88
C GLU B 72 -15.56 -35.54 -8.49
N SER B 73 -14.28 -35.86 -8.35
CA SER B 73 -13.59 -35.74 -7.02
C SER B 73 -13.41 -34.26 -6.70
N ASN B 74 -13.20 -33.44 -7.75
CA ASN B 74 -13.05 -31.97 -7.59
C ASN B 74 -14.40 -31.36 -7.99
N GLY B 75 -14.56 -30.04 -7.89
CA GLY B 75 -15.83 -29.40 -8.27
C GLY B 75 -15.96 -29.21 -9.76
N VAL B 76 -15.21 -29.98 -10.56
CA VAL B 76 -15.24 -29.87 -12.05
C VAL B 76 -16.35 -30.77 -12.61
N LYS B 77 -17.09 -30.28 -13.61
CA LYS B 77 -18.23 -31.01 -14.25
C LYS B 77 -17.99 -31.22 -15.75
N ASN B 78 -16.95 -30.62 -16.36
CA ASN B 78 -16.64 -30.86 -17.79
C ASN B 78 -15.15 -30.55 -18.04
N GLU B 79 -14.66 -30.87 -19.24
CA GLU B 79 -13.23 -30.66 -19.60
C GLU B 79 -12.90 -29.17 -19.72
N ASP B 80 -13.87 -28.32 -20.09
CA ASP B 80 -13.64 -26.86 -20.26
C ASP B 80 -13.18 -26.28 -18.91
N GLN B 81 -13.87 -26.68 -17.83
CA GLN B 81 -13.57 -26.25 -16.44
C GLN B 81 -12.21 -26.81 -16.01
N LEU B 82 -11.96 -28.10 -16.27
CA LEU B 82 -10.65 -28.67 -15.86
C LEU B 82 -9.52 -27.88 -16.54
N LYS B 83 -9.67 -27.52 -17.83
CA LYS B 83 -8.61 -26.72 -18.52
C LYS B 83 -8.27 -25.47 -17.73
N GLU B 84 -9.31 -24.70 -17.36
CA GLU B 84 -9.08 -23.43 -16.65
C GLU B 84 -8.29 -23.71 -15.36
N LYS B 85 -8.62 -24.79 -14.63
CA LYS B 85 -7.86 -25.13 -13.40
C LYS B 85 -6.42 -25.48 -13.75
N LEU B 86 -6.19 -26.33 -14.74
CA LEU B 86 -4.82 -26.71 -15.17
C LEU B 86 -4.03 -25.46 -15.57
N LYS B 87 -4.64 -24.57 -16.37
CA LYS B 87 -3.99 -23.32 -16.86
C LYS B 87 -3.60 -22.41 -15.69
N LEU B 88 -4.51 -22.22 -14.74
CA LEU B 88 -4.26 -21.37 -13.55
C LEU B 88 -3.09 -21.96 -12.75
N THR B 89 -3.06 -23.29 -12.64
CA THR B 89 -1.99 -23.99 -11.89
C THR B 89 -0.65 -23.82 -12.61
N PHE B 90 -0.68 -23.80 -13.93
CA PHE B 90 0.57 -23.70 -14.75
C PHE B 90 1.09 -22.26 -14.64
N ALA B 91 0.18 -21.30 -14.63
CA ALA B 91 0.59 -19.88 -14.51
C ALA B 91 1.21 -19.67 -13.12
N PHE B 92 0.61 -20.27 -12.10
CA PHE B 92 1.08 -20.12 -10.71
C PHE B 92 2.52 -20.64 -10.62
N GLU B 93 2.80 -21.76 -11.28
CA GLU B 93 4.17 -22.35 -11.28
C GLU B 93 5.12 -21.39 -11.99
N LYS B 94 4.73 -20.87 -13.16
CA LYS B 94 5.61 -19.89 -13.85
C LYS B 94 5.93 -18.73 -12.89
N ALA B 95 4.99 -18.37 -12.03
CA ALA B 95 5.17 -17.24 -11.09
C ALA B 95 6.29 -17.56 -10.09
N ILE B 96 6.29 -18.79 -9.57
CA ILE B 96 7.30 -19.30 -8.60
C ILE B 96 8.65 -19.44 -9.30
N LYS B 97 8.65 -20.05 -10.49
CA LYS B 97 9.91 -20.19 -11.26
C LYS B 97 10.56 -18.81 -11.41
N ALA B 98 9.74 -17.76 -11.59
CA ALA B 98 10.24 -16.38 -11.80
C ALA B 98 10.93 -15.80 -10.56
N THR B 99 10.70 -16.40 -9.38
CA THR B 99 11.32 -15.89 -8.13
C THR B 99 12.79 -16.34 -8.05
N VAL B 100 13.24 -17.23 -8.94
CA VAL B 100 14.65 -17.73 -8.92
C VAL B 100 15.55 -16.69 -9.59
N THR B 101 16.46 -16.09 -8.81
CA THR B 101 17.39 -15.04 -9.31
C THR B 101 18.78 -15.62 -9.58
N GLU B 102 19.64 -14.84 -10.24
CA GLU B 102 21.02 -15.27 -10.57
C GLU B 102 21.71 -15.62 -9.24
N LYS B 103 21.64 -14.70 -8.27
CA LYS B 103 22.27 -14.91 -6.94
C LYS B 103 21.87 -16.30 -6.42
N ASP B 104 20.57 -16.60 -6.40
CA ASP B 104 20.09 -17.93 -5.90
C ASP B 104 20.81 -19.06 -6.62
N ILE B 105 21.01 -18.93 -7.95
CA ILE B 105 21.69 -19.99 -8.77
C ILE B 105 23.19 -20.03 -8.45
N LYS B 106 23.82 -18.88 -8.20
CA LYS B 106 25.27 -18.86 -7.88
C LYS B 106 25.50 -19.46 -6.50
N ASP B 107 24.66 -19.11 -5.52
CA ASP B 107 24.79 -19.64 -4.13
C ASP B 107 24.71 -21.17 -4.16
N HIS B 108 24.17 -21.77 -5.22
CA HIS B 108 24.08 -23.25 -5.33
C HIS B 108 25.17 -23.81 -6.25
N TYR B 109 25.96 -22.96 -6.91
CA TYR B 109 27.06 -23.49 -7.76
C TYR B 109 28.25 -23.79 -6.84
N LYS B 110 28.19 -24.96 -6.21
CA LYS B 110 29.23 -25.45 -5.29
C LYS B 110 29.56 -26.88 -5.71
N PRO B 111 30.78 -27.37 -5.44
CA PRO B 111 31.16 -28.72 -5.84
C PRO B 111 30.53 -29.78 -4.92
N LYS B 112 30.24 -30.96 -5.48
CA LYS B 112 29.69 -32.06 -4.64
C LYS B 112 30.80 -32.46 -3.65
N LEU B 113 30.43 -32.83 -2.43
CA LEU B 113 31.44 -33.21 -1.41
C LEU B 113 31.33 -34.69 -1.08
N GLN B 114 32.49 -35.31 -0.84
CA GLN B 114 32.56 -36.72 -0.41
C GLN B 114 33.03 -36.64 1.05
N VAL B 115 32.13 -36.87 1.99
CA VAL B 115 32.54 -36.77 3.43
C VAL B 115 32.22 -38.08 4.15
N SER B 116 32.82 -38.20 5.33
CA SER B 116 32.60 -39.33 6.25
C SER B 116 32.08 -38.66 7.52
N HIS B 117 31.34 -39.38 8.36
CA HIS B 117 30.82 -38.72 9.58
C HIS B 117 30.67 -39.74 10.70
N ILE B 118 30.74 -39.26 11.94
CA ILE B 118 30.52 -40.11 13.14
C ILE B 118 29.31 -39.52 13.87
N LEU B 119 28.27 -40.34 14.11
CA LEU B 119 27.02 -39.87 14.77
C LEU B 119 26.87 -40.44 16.18
N VAL B 120 26.84 -39.57 17.19
CA VAL B 120 26.63 -39.98 18.62
C VAL B 120 25.44 -39.18 19.15
N LYS B 121 24.78 -39.68 20.20
CA LYS B 121 23.57 -39.03 20.76
C LYS B 121 23.89 -37.79 21.64
N ASP B 122 25.01 -37.75 22.35
CA ASP B 122 25.27 -36.58 23.24
C ASP B 122 26.54 -35.81 22.83
N GLU B 123 26.55 -34.51 23.19
CA GLU B 123 27.66 -33.58 22.88
C GLU B 123 28.91 -33.96 23.69
N LYS B 124 28.71 -34.58 24.86
CA LYS B 124 29.84 -35.03 25.72
C LYS B 124 30.67 -36.06 24.94
N THR B 125 30.01 -37.07 24.37
CA THR B 125 30.71 -38.13 23.58
C THR B 125 31.35 -37.49 22.33
N ALA B 126 30.66 -36.53 21.72
CA ALA B 126 31.22 -35.86 20.53
C ALA B 126 32.55 -35.19 20.88
N LYS B 127 32.61 -34.35 21.95
CA LYS B 127 33.92 -33.73 22.31
C LYS B 127 34.97 -34.82 22.57
N GLU B 128 34.61 -35.87 23.32
CA GLU B 128 35.56 -36.98 23.58
C GLU B 128 36.10 -37.51 22.25
N ILE B 129 35.23 -37.81 21.28
CA ILE B 129 35.68 -38.36 19.95
C ILE B 129 36.52 -37.32 19.20
N LYS B 130 36.10 -36.05 19.23
CA LYS B 130 36.82 -34.97 18.52
C LYS B 130 38.28 -34.94 19.05
N GLU B 131 38.45 -35.27 20.33
CA GLU B 131 39.79 -35.22 20.98
C GLU B 131 40.59 -36.49 20.59
N LYS B 132 39.93 -37.62 20.40
CA LYS B 132 40.68 -38.84 19.98
C LYS B 132 41.18 -38.61 18.55
N LEU B 133 40.40 -37.89 17.75
CA LEU B 133 40.83 -37.57 16.35
C LEU B 133 42.04 -36.63 16.42
N ASN B 134 42.02 -35.62 17.29
CA ASN B 134 43.17 -34.68 17.44
C ASN B 134 44.41 -35.50 17.83
N SER B 135 44.24 -36.50 18.69
CA SER B 135 45.36 -37.37 19.15
C SER B 135 45.91 -38.19 17.98
N GLY B 136 45.21 -38.22 16.85
CA GLY B 136 45.68 -38.97 15.66
C GLY B 136 45.02 -40.33 15.49
N GLU B 137 43.91 -40.60 16.20
CA GLU B 137 43.25 -41.92 16.00
C GLU B 137 42.55 -41.90 14.64
N ASP B 138 42.56 -43.04 13.94
CA ASP B 138 41.96 -43.24 12.60
C ASP B 138 40.46 -42.93 12.67
N PHE B 139 39.99 -42.06 11.76
CA PHE B 139 38.56 -41.69 11.71
C PHE B 139 37.73 -42.94 11.41
N ALA B 140 38.09 -43.73 10.39
CA ALA B 140 37.35 -44.97 10.01
C ALA B 140 37.22 -45.91 11.23
N ALA B 141 38.29 -46.05 12.02
CA ALA B 141 38.25 -46.92 13.22
C ALA B 141 37.25 -46.35 14.25
N LEU B 142 37.34 -45.04 14.54
CA LEU B 142 36.42 -44.42 15.53
C LEU B 142 34.97 -44.53 15.04
N ALA B 143 34.73 -44.40 13.73
CA ALA B 143 33.35 -44.55 13.20
C ALA B 143 32.85 -45.98 13.47
N LYS B 144 33.74 -46.95 13.37
CA LYS B 144 33.36 -48.37 13.64
C LYS B 144 33.05 -48.56 15.14
N GLN B 145 33.77 -47.80 16.00
CA GLN B 145 33.63 -47.91 17.47
C GLN B 145 32.44 -47.13 18.02
N TYR B 146 32.17 -45.91 17.55
CA TYR B 146 31.08 -45.14 18.21
C TYR B 146 29.91 -44.77 17.31
N SER B 147 30.09 -44.61 16.01
CA SER B 147 28.94 -44.15 15.18
C SER B 147 27.66 -44.98 15.42
N GLU B 148 26.53 -44.25 15.45
CA GLU B 148 25.14 -44.74 15.66
C GLU B 148 24.46 -44.93 14.30
N ASP B 149 25.11 -44.47 13.23
CA ASP B 149 24.53 -44.60 11.86
C ASP B 149 24.79 -46.01 11.35
N PRO B 150 23.80 -46.93 11.38
CA PRO B 150 24.01 -48.30 10.89
C PRO B 150 24.52 -48.39 9.43
N GLY B 151 24.17 -47.44 8.57
CA GLY B 151 24.59 -47.48 7.16
C GLY B 151 26.00 -46.95 6.89
N SER B 152 26.72 -46.50 7.92
CA SER B 152 28.07 -45.96 7.63
C SER B 152 29.09 -46.37 8.69
N LYS B 153 28.67 -46.88 9.85
CA LYS B 153 29.62 -47.29 10.93
C LYS B 153 30.57 -48.41 10.42
N GLU B 154 30.07 -49.32 9.56
CA GLU B 154 30.86 -50.45 9.02
C GLU B 154 31.72 -50.00 7.82
N LYS B 155 31.42 -48.84 7.23
CA LYS B 155 32.19 -48.37 6.04
C LYS B 155 32.99 -47.10 6.34
N GLY B 156 33.63 -47.01 7.51
CA GLY B 156 34.45 -45.84 7.88
C GLY B 156 33.68 -44.53 7.95
N GLY B 157 32.37 -44.59 8.14
CA GLY B 157 31.53 -43.38 8.24
C GLY B 157 31.26 -42.72 6.88
N GLU B 158 31.57 -43.41 5.79
CA GLU B 158 31.36 -42.81 4.45
C GLU B 158 29.88 -42.60 4.15
N LEU B 159 29.59 -41.46 3.50
CA LEU B 159 28.25 -41.04 3.06
C LEU B 159 28.29 -40.87 1.54
N SER B 160 27.17 -41.11 0.87
CA SER B 160 27.14 -40.94 -0.61
C SER B 160 27.40 -39.46 -0.91
N GLU B 161 28.08 -39.18 -2.02
CA GLU B 161 28.39 -37.77 -2.38
C GLU B 161 27.10 -36.96 -2.34
N PHE B 162 27.19 -35.71 -1.90
CA PHE B 162 26.01 -34.80 -1.81
C PHE B 162 26.41 -33.39 -2.25
N GLY B 163 25.40 -32.55 -2.48
CA GLY B 163 25.61 -31.15 -2.89
C GLY B 163 24.63 -30.21 -2.17
N PRO B 164 24.57 -28.94 -2.58
CA PRO B 164 23.70 -27.96 -1.93
C PRO B 164 22.21 -28.35 -1.85
N GLY B 165 21.58 -28.03 -0.72
CA GLY B 165 20.15 -28.28 -0.46
C GLY B 165 19.79 -29.74 -0.22
N MSE B 166 20.75 -30.66 -0.37
CA MSE B 166 20.45 -32.08 -0.18
C MSE B 166 20.51 -32.49 1.29
O MSE B 166 19.94 -33.51 1.67
CB MSE B 166 21.39 -32.94 -1.03
CG MSE B 166 21.18 -32.80 -2.53
SE MSE B 166 22.47 -33.88 -3.54
CE MSE B 166 22.25 -35.73 -2.94
N MSE B 167 21.23 -31.71 2.12
CA MSE B 167 21.33 -32.03 3.53
C MSE B 167 20.83 -30.86 4.35
O MSE B 167 20.70 -29.75 3.86
CB MSE B 167 22.78 -32.36 3.92
CG MSE B 167 23.53 -33.24 2.95
SE MSE B 167 23.27 -35.14 3.31
CE MSE B 167 24.46 -35.58 4.80
N VAL B 168 20.57 -31.12 5.64
CA VAL B 168 20.07 -30.08 6.53
C VAL B 168 21.15 -28.99 6.62
N LYS B 169 20.71 -27.72 6.64
CA LYS B 169 21.58 -26.51 6.71
C LYS B 169 22.77 -26.67 7.66
N GLU B 170 22.53 -27.01 8.93
CA GLU B 170 23.65 -27.10 9.92
C GLU B 170 24.72 -28.06 9.40
N PHE B 171 24.32 -29.23 8.88
CA PHE B 171 25.28 -30.25 8.39
C PHE B 171 25.98 -29.72 7.14
N GLU B 172 25.20 -29.23 6.17
CA GLU B 172 25.74 -28.68 4.89
C GLU B 172 26.75 -27.54 5.16
N ASP B 173 26.34 -26.47 5.85
CA ASP B 173 27.23 -25.31 6.14
C ASP B 173 28.54 -25.76 6.79
N ALA B 174 28.49 -26.71 7.72
CA ALA B 174 29.72 -27.18 8.39
C ALA B 174 30.64 -27.88 7.39
N ALA B 175 30.07 -28.66 6.46
CA ALA B 175 30.84 -29.43 5.47
C ALA B 175 31.52 -28.54 4.43
N TYR B 176 30.88 -27.44 4.00
CA TYR B 176 31.52 -26.57 2.97
C TYR B 176 32.59 -25.69 3.61
N LYS B 177 32.71 -25.67 4.94
CA LYS B 177 33.76 -24.81 5.56
C LYS B 177 35.06 -25.62 5.70
N LEU B 178 35.04 -26.91 5.33
CA LEU B 178 36.24 -27.78 5.50
C LEU B 178 37.07 -27.90 4.21
N GLU B 179 38.37 -28.22 4.39
CA GLU B 179 39.36 -28.48 3.31
C GLU B 179 39.62 -29.99 3.36
N VAL B 180 40.06 -30.60 2.25
CA VAL B 180 40.28 -32.08 2.26
C VAL B 180 41.13 -32.49 3.47
N GLY B 181 40.61 -33.45 4.26
CA GLY B 181 41.28 -34.01 5.45
C GLY B 181 40.96 -33.28 6.73
N GLN B 182 40.30 -32.11 6.67
CA GLN B 182 40.00 -31.33 7.90
C GLN B 182 38.73 -31.89 8.57
N LEU B 183 38.61 -31.68 9.88
CA LEU B 183 37.47 -32.18 10.69
C LEU B 183 36.61 -31.01 11.18
N SER B 184 35.30 -31.24 11.27
CA SER B 184 34.39 -30.17 11.76
C SER B 184 34.36 -30.16 13.28
N GLU B 185 33.50 -29.33 13.85
CA GLU B 185 33.28 -29.33 15.32
C GLU B 185 32.02 -30.17 15.44
N PRO B 186 31.57 -30.60 16.64
CA PRO B 186 30.33 -31.37 16.74
C PRO B 186 29.15 -30.58 16.14
N VAL B 187 28.39 -31.19 15.22
CA VAL B 187 27.23 -30.50 14.59
C VAL B 187 25.93 -31.14 15.09
N LYS B 188 25.00 -30.33 15.61
CA LYS B 188 23.71 -30.87 16.13
C LYS B 188 22.69 -31.02 15.01
N SER B 189 21.96 -32.13 15.00
CA SER B 189 20.89 -32.41 14.03
C SER B 189 19.78 -33.12 14.80
N SER B 190 18.72 -33.57 14.12
CA SER B 190 17.61 -34.28 14.80
C SER B 190 18.07 -35.66 15.28
N PHE B 191 19.08 -36.26 14.63
CA PHE B 191 19.54 -37.62 15.03
C PHE B 191 20.57 -37.55 16.16
N GLY B 192 21.08 -36.37 16.49
CA GLY B 192 22.06 -36.25 17.60
C GLY B 192 23.19 -35.28 17.27
N TYR B 193 24.44 -35.71 17.45
CA TYR B 193 25.63 -34.86 17.19
C TYR B 193 26.57 -35.57 16.21
N HIS B 194 27.02 -34.83 15.19
CA HIS B 194 27.90 -35.36 14.11
C HIS B 194 29.29 -34.72 14.12
N ILE B 195 30.26 -35.46 13.58
CA ILE B 195 31.68 -35.02 13.38
C ILE B 195 31.93 -35.34 11.91
N ILE B 196 32.19 -34.30 11.10
CA ILE B 196 32.38 -34.45 9.63
C ILE B 196 33.86 -34.34 9.25
N LYS B 197 34.26 -35.19 8.31
CA LYS B 197 35.63 -35.23 7.74
C LYS B 197 35.47 -35.18 6.22
N LEU B 198 36.15 -34.22 5.57
CA LEU B 198 36.06 -34.09 4.09
C LEU B 198 37.18 -34.93 3.48
N THR B 199 36.82 -35.97 2.71
CA THR B 199 37.83 -36.87 2.09
C THR B 199 38.11 -36.43 0.65
N ASP B 200 37.10 -35.96 -0.07
CA ASP B 200 37.28 -35.58 -1.49
C ASP B 200 36.30 -34.44 -1.84
N LYS B 201 36.69 -33.58 -2.78
CA LYS B 201 35.90 -32.41 -3.25
C LYS B 201 35.78 -32.50 -4.77
N LYS B 202 34.83 -33.31 -5.26
CA LYS B 202 34.59 -33.60 -6.71
C LYS B 202 34.76 -32.37 -7.61
N GLU B 203 35.20 -32.62 -8.86
CA GLU B 203 35.41 -31.56 -9.90
C GLU B 203 34.04 -30.97 -10.26
N LEU B 204 34.03 -29.75 -10.79
CA LEU B 204 32.75 -29.07 -11.11
C LEU B 204 32.80 -28.49 -12.54
N LYS B 205 31.85 -28.89 -13.39
CA LYS B 205 31.82 -28.38 -14.79
C LYS B 205 31.62 -26.86 -14.76
N PRO B 206 32.00 -26.14 -15.83
CA PRO B 206 31.86 -24.67 -15.85
C PRO B 206 30.47 -24.17 -15.45
N TYR B 207 30.43 -22.97 -14.85
CA TYR B 207 29.17 -22.36 -14.37
C TYR B 207 28.11 -22.31 -15.49
N GLU B 208 28.50 -21.84 -16.67
CA GLU B 208 27.63 -21.70 -17.85
C GLU B 208 27.06 -23.04 -18.34
N GLU B 209 27.56 -24.17 -17.84
CA GLU B 209 27.02 -25.50 -18.27
C GLU B 209 26.17 -26.09 -17.15
N GLU B 210 26.13 -25.44 -15.99
CA GLU B 210 25.38 -25.95 -14.80
C GLU B 210 24.17 -25.08 -14.44
N LYS B 211 24.20 -23.78 -14.77
CA LYS B 211 23.08 -22.89 -14.37
C LYS B 211 21.73 -23.48 -14.82
N GLU B 212 21.67 -24.17 -15.98
CA GLU B 212 20.37 -24.75 -16.44
C GLU B 212 19.85 -25.76 -15.41
N ASN B 213 20.67 -26.76 -15.05
CA ASN B 213 20.26 -27.80 -14.07
C ASN B 213 19.98 -27.15 -12.71
N ILE B 214 20.89 -26.29 -12.24
CA ILE B 214 20.68 -25.59 -10.92
C ILE B 214 19.32 -24.89 -10.92
N ARG B 215 19.04 -24.12 -11.97
CA ARG B 215 17.74 -23.41 -12.09
C ARG B 215 16.58 -24.42 -11.96
N LYS B 216 16.57 -25.49 -12.77
CA LYS B 216 15.49 -26.52 -12.72
C LYS B 216 15.29 -27.04 -11.29
N GLU B 217 16.38 -27.41 -10.60
CA GLU B 217 16.24 -27.95 -9.22
C GLU B 217 15.61 -26.90 -8.31
N LEU B 218 16.12 -25.67 -8.32
CA LEU B 218 15.51 -24.61 -7.46
C LEU B 218 14.04 -24.43 -7.85
N GLU B 219 13.74 -24.34 -9.15
CA GLU B 219 12.33 -24.20 -9.61
C GLU B 219 11.46 -25.31 -8.97
N GLN B 220 11.85 -26.58 -9.12
CA GLN B 220 11.04 -27.71 -8.57
C GLN B 220 11.00 -27.65 -7.04
N GLN B 221 12.10 -27.24 -6.42
CA GLN B 221 12.18 -27.19 -4.95
C GLN B 221 11.18 -26.18 -4.40
N ARG B 222 10.99 -25.05 -5.10
CA ARG B 222 10.06 -23.98 -4.63
C ARG B 222 8.60 -24.34 -4.96
N ILE B 223 8.39 -25.13 -6.01
CA ILE B 223 7.01 -25.53 -6.43
C ILE B 223 6.38 -26.41 -5.34
N GLN B 224 7.17 -27.14 -4.55
CA GLN B 224 6.62 -28.05 -3.50
C GLN B 224 6.49 -27.27 -2.18
N ASP B 225 7.37 -26.31 -1.94
CA ASP B 225 7.40 -25.50 -0.69
C ASP B 225 6.21 -24.56 -0.66
N PRO B 226 5.20 -24.79 0.22
CA PRO B 226 4.04 -23.91 0.29
C PRO B 226 4.38 -22.53 0.89
N GLN B 227 5.58 -22.33 1.44
CA GLN B 227 5.87 -20.97 2.00
C GLN B 227 6.14 -20.03 0.82
N PHE B 228 6.45 -20.59 -0.38
CA PHE B 228 6.62 -19.76 -1.60
C PHE B 228 5.25 -19.54 -2.24
N HIS B 229 4.33 -20.50 -2.10
CA HIS B 229 2.98 -20.32 -2.68
C HIS B 229 2.32 -19.11 -2.02
N GLN B 230 2.56 -18.92 -0.73
CA GLN B 230 1.99 -17.78 0.05
C GLN B 230 2.76 -16.50 -0.30
N GLN B 231 4.08 -16.62 -0.47
CA GLN B 231 4.94 -15.45 -0.82
C GLN B 231 4.58 -14.93 -2.21
N VAL B 232 4.53 -15.82 -3.21
CA VAL B 232 4.18 -15.45 -4.61
C VAL B 232 2.77 -14.85 -4.65
N THR B 233 1.79 -15.50 -4.00
CA THR B 233 0.40 -14.96 -3.95
C THR B 233 0.45 -13.53 -3.42
N ARG B 234 1.01 -13.35 -2.20
CA ARG B 234 1.13 -12.04 -1.51
C ARG B 234 1.79 -11.00 -2.43
N ASP B 235 2.90 -11.33 -3.08
CA ASP B 235 3.59 -10.34 -3.96
C ASP B 235 2.74 -10.01 -5.20
N LEU B 236 2.13 -11.00 -5.88
CA LEU B 236 1.29 -10.70 -7.10
C LEU B 236 0.19 -9.72 -6.72
N LEU B 237 -0.47 -9.95 -5.58
CA LEU B 237 -1.57 -9.05 -5.14
C LEU B 237 -1.02 -7.67 -4.73
N LYS B 238 0.13 -7.59 -4.05
CA LYS B 238 0.59 -6.24 -3.66
C LYS B 238 1.01 -5.43 -4.90
N ASN B 239 1.66 -6.08 -5.86
CA ASN B 239 2.13 -5.40 -7.10
C ASN B 239 0.95 -5.09 -8.02
N ALA B 240 -0.26 -5.49 -7.64
CA ALA B 240 -1.49 -5.24 -8.46
C ALA B 240 -2.18 -3.93 -8.06
N ASP B 241 -1.72 -3.28 -6.97
CA ASP B 241 -2.30 -1.98 -6.52
C ASP B 241 -3.83 -2.10 -6.51
N ILE B 242 -4.34 -3.07 -5.75
CA ILE B 242 -5.80 -3.41 -5.66
C ILE B 242 -6.56 -2.38 -4.83
N LYS B 243 -7.69 -1.90 -5.37
CA LYS B 243 -8.61 -0.96 -4.69
C LYS B 243 -10.04 -1.35 -5.06
N VAL B 244 -10.74 -1.93 -4.07
CA VAL B 244 -12.15 -2.38 -4.14
C VAL B 244 -13.09 -1.19 -3.90
N SER B 245 -14.02 -0.92 -4.83
CA SER B 245 -14.96 0.22 -4.68
C SER B 245 -16.27 -0.21 -4.00
N ASP B 246 -16.59 -1.51 -3.99
CA ASP B 246 -17.83 -2.01 -3.36
C ASP B 246 -17.64 -2.01 -1.84
N LYS B 247 -18.52 -1.32 -1.10
CA LYS B 247 -18.49 -1.20 0.39
C LYS B 247 -18.44 -2.56 1.09
N ASP B 248 -19.31 -3.48 0.67
CA ASP B 248 -19.42 -4.83 1.29
C ASP B 248 -18.16 -5.67 1.06
N LEU B 249 -17.33 -5.35 0.06
CA LEU B 249 -16.14 -6.21 -0.23
C LEU B 249 -14.84 -5.43 -0.03
N LYS B 250 -14.88 -4.28 0.64
CA LYS B 250 -13.69 -3.40 0.86
C LYS B 250 -12.49 -4.15 1.47
N ASP B 251 -12.69 -4.87 2.58
CA ASP B 251 -11.53 -5.54 3.23
C ASP B 251 -11.45 -7.00 2.80
N THR B 252 -11.34 -7.23 1.49
CA THR B 252 -11.22 -8.60 0.93
C THR B 252 -9.75 -9.00 0.90
N PHE B 253 -8.89 -8.08 0.46
CA PHE B 253 -7.44 -8.34 0.31
C PHE B 253 -6.61 -7.69 1.41
N LYS B 254 -7.21 -6.96 2.34
CA LYS B 254 -6.42 -6.25 3.39
C LYS B 254 -5.59 -7.24 4.22
N GLU B 255 -6.14 -8.42 4.57
CA GLU B 255 -5.40 -9.41 5.39
C GLU B 255 -4.46 -10.23 4.47
N LEU B 256 -4.92 -10.63 3.28
CA LEU B 256 -4.10 -11.45 2.32
C LEU B 256 -2.74 -10.80 2.03
N GLU B 257 -2.56 -9.52 2.38
CA GLU B 257 -1.28 -8.80 2.15
C GLU B 257 -1.00 -7.95 3.39
N LYS B 258 -1.44 -8.42 4.57
CA LYS B 258 -1.32 -7.68 5.85
C LYS B 258 0.14 -7.24 6.05
N1 2NV C . -21.55 40.14 -10.82
C2 2NV C . -20.13 39.81 -10.58
C3 2NV C . -19.60 38.99 -11.76
O4 2NV C . -19.14 37.69 -11.32
C5 2NV C . -20.15 36.71 -11.13
C6 2NV C . -19.56 35.46 -10.45
O7 2NV C . -20.38 34.95 -9.39
C8 2NV C . -20.00 35.37 -8.07
C9 2NV C . -18.96 34.45 -7.45
O10 2NV C . -18.81 34.73 -6.05
C11 2NV C . -17.99 33.78 -5.36
C12 2NV C . -16.51 34.18 -5.42
O13 2NV C . -15.69 33.07 -5.06
C14 2NV C . -14.63 32.82 -6.00
C15 2NV C . -13.76 31.66 -5.52
O16 2NV C . -13.41 30.82 -6.62
C17 2NV C . -12.30 29.95 -6.33
C18 2NV C . -12.41 28.68 -7.17
C2A 2NV C . -19.34 41.11 -10.35
C1 GOL D . 6.91 31.03 -16.48
O1 GOL D . 8.15 30.39 -16.24
C2 GOL D . 6.14 30.37 -17.62
O2 GOL D . 7.04 30.04 -18.68
C3 GOL D . 5.02 31.23 -18.16
O3 GOL D . 3.85 31.13 -17.36
C1 GOL E . -5.54 15.85 21.55
O1 GOL E . -5.61 15.19 20.30
C2 GOL E . -6.89 15.95 22.23
O2 GOL E . -6.77 16.62 23.47
C3 GOL E . -7.54 14.60 22.43
O3 GOL E . -8.72 14.69 23.23
N1 2NV F . 22.12 -40.81 9.01
C2 2NV F . 22.17 -39.65 8.10
C3 2NV F . 22.92 -38.52 8.79
O4 2NV F . 23.18 -37.42 7.92
C5 2NV F . 22.07 -36.54 7.75
C6 2NV F . 21.96 -35.56 8.92
O7 2NV F . 20.63 -35.55 9.44
C8 2NV F . 19.72 -34.75 8.67
C9 2NV F . 18.38 -35.48 8.57
O10 2NV F . 17.34 -34.54 8.28
C11 2NV F . 17.13 -34.29 6.90
C12 2NV F . 15.94 -33.34 6.74
O13 2NV F . 16.22 -32.37 5.73
C14 2NV F . 15.73 -32.73 4.43
C15 2NV F . 16.69 -32.24 3.34
O16 2NV F . 17.23 -30.95 3.66
C17 2NV F . 16.25 -29.90 3.63
C18 2NV F . 16.80 -28.72 2.86
C2A 2NV F . 22.78 -40.06 6.76
#